data_7CIW
#
_entry.id   7CIW
#
_cell.length_a   42.911
_cell.length_b   51.235
_cell.length_c   78.459
_cell.angle_alpha   90.000
_cell.angle_beta   90.000
_cell.angle_gamma   90.000
#
_symmetry.space_group_name_H-M   'P 21 21 21'
#
loop_
_entity.id
_entity.type
_entity.pdbx_description
1 polymer 'Agmatine N-acetyltransferase'
2 non-polymer 'COENZYME A'
3 non-polymer N-(4-carbamimidamidobutyl)ethanamide
4 water water
#
_entity_poly.entity_id   1
_entity_poly.type   'polypeptide(L)'
_entity_poly.pdbx_seq_one_letter_code
;MAKPIADDIVVRQVDVGETEQLMTFLLAHYYPEEPLTAGTHPPEPEAADKEFLLSNVPFGTCFVALHEGRIVAAVVAGPK
DSHEPEHMAEEARKYAGGKWGSILHLLSAVETATDVCRRFSVPSCLHVHALGVDPQLRGRNLGGRLMETVAQRGRDLGHQ
LVSVDCTSVYAARLVQRLGYQLINTLRYVDHLDASGQQVIRPPPPHESVQTFVLHL
;
_entity_poly.pdbx_strand_id   A
#
loop_
_chem_comp.id
_chem_comp.type
_chem_comp.name
_chem_comp.formula
COA non-polymer 'COENZYME A' 'C21 H36 N7 O16 P3 S'
G0R non-polymer N-(4-carbamimidamidobutyl)ethanamide 'C7 H16 N4 O'
#
# COMPACT_ATOMS: atom_id res chain seq x y z
N MET A 1 1.93 15.27 -18.16
CA MET A 1 1.46 14.39 -17.08
C MET A 1 1.66 15.07 -15.73
N ALA A 2 0.86 16.10 -15.46
CA ALA A 2 0.99 16.87 -14.24
C ALA A 2 -0.39 17.34 -13.81
N LYS A 3 -0.74 17.07 -12.57
CA LYS A 3 -2.01 17.49 -12.00
C LYS A 3 -1.75 18.49 -10.87
N PRO A 4 -1.98 19.78 -11.07
CA PRO A 4 -1.77 20.73 -9.97
C PRO A 4 -2.80 20.50 -8.88
N ILE A 5 -2.33 20.52 -7.64
CA ILE A 5 -3.27 20.53 -6.51
C ILE A 5 -2.90 21.73 -5.63
N ALA A 6 -3.52 21.80 -4.45
CA ALA A 6 -3.18 22.72 -3.37
C ALA A 6 -2.49 24.00 -3.78
N ASP A 7 -1.37 24.30 -3.13
CA ASP A 7 -0.63 25.54 -3.33
C ASP A 7 0.44 25.38 -4.39
N ASP A 8 1.65 24.99 -3.97
CA ASP A 8 2.75 24.65 -4.85
C ASP A 8 2.94 23.13 -4.95
N ILE A 9 1.88 22.35 -4.79
CA ILE A 9 1.99 20.90 -4.85
C ILE A 9 1.39 20.41 -6.15
N VAL A 10 2.15 19.58 -6.86
CA VAL A 10 1.75 19.03 -8.14
C VAL A 10 1.83 17.52 -8.02
N VAL A 11 0.84 16.82 -8.56
CA VAL A 11 0.88 15.36 -8.61
C VAL A 11 1.43 14.92 -9.95
N ARG A 12 2.40 14.00 -9.93
CA ARG A 12 3.03 13.50 -11.15
C ARG A 12 3.09 11.98 -11.09
N GLN A 13 3.15 11.38 -12.26
CA GLN A 13 3.39 9.95 -12.37
C GLN A 13 4.87 9.68 -12.19
N VAL A 14 5.20 8.63 -11.41
CA VAL A 14 6.58 8.21 -11.27
C VAL A 14 7.04 7.57 -12.57
N ASP A 15 8.13 8.05 -13.13
CA ASP A 15 8.62 7.55 -14.39
C ASP A 15 9.68 6.47 -14.19
N VAL A 16 9.70 5.50 -15.09
CA VAL A 16 10.71 4.45 -15.06
C VAL A 16 12.05 5.10 -15.35
N GLY A 17 12.86 5.28 -14.32
CA GLY A 17 14.06 6.09 -14.42
C GLY A 17 13.96 7.34 -13.57
N GLU A 18 13.48 7.16 -12.35
CA GLU A 18 13.22 8.23 -11.39
C GLU A 18 12.82 7.55 -10.09
N THR A 19 13.06 6.24 -10.05
CA THR A 19 12.66 5.46 -8.88
C THR A 19 13.51 5.77 -7.66
N GLU A 20 14.72 6.33 -7.82
CA GLU A 20 15.55 6.53 -6.65
C GLU A 20 14.95 7.59 -5.73
N GLN A 21 14.48 8.70 -6.30
CA GLN A 21 13.86 9.73 -5.48
C GLN A 21 12.63 9.18 -4.75
N LEU A 22 11.84 8.36 -5.45
CA LEU A 22 10.67 7.76 -4.81
C LEU A 22 11.06 6.89 -3.63
N MET A 23 12.08 6.04 -3.82
CA MET A 23 12.49 5.17 -2.73
C MET A 23 13.08 5.97 -1.58
N THR A 24 13.82 7.05 -1.89
CA THR A 24 14.36 7.89 -0.82
C THR A 24 13.24 8.48 0.02
N PHE A 25 12.16 8.96 -0.62
CA PHE A 25 11.01 9.44 0.14
C PHE A 25 10.40 8.31 0.98
N LEU A 26 10.18 7.15 0.37
CA LEU A 26 9.57 6.05 1.11
C LEU A 26 10.39 5.67 2.32
N LEU A 27 11.72 5.62 2.18
CA LEU A 27 12.56 5.27 3.32
C LEU A 27 12.54 6.34 4.41
N ALA A 28 12.27 7.59 4.05
CA ALA A 28 12.27 8.66 5.04
C ALA A 28 10.94 8.79 5.78
N HIS A 29 9.81 8.65 5.08
CA HIS A 29 8.53 9.06 5.64
C HIS A 29 7.41 8.03 5.49
N TYR A 30 7.66 6.92 4.82
CA TYR A 30 6.68 5.84 4.73
C TYR A 30 7.10 4.66 5.60
N TYR A 31 8.22 4.04 5.27
CA TYR A 31 8.63 2.82 5.96
C TYR A 31 8.83 2.98 7.47
N PRO A 32 9.42 4.06 8.00
CA PRO A 32 9.64 4.11 9.45
C PRO A 32 8.37 4.09 10.28
N GLU A 33 7.23 4.53 9.73
CA GLU A 33 5.98 4.60 10.48
C GLU A 33 4.91 3.62 9.98
N GLU A 34 5.10 3.00 8.83
CA GLU A 34 4.13 2.02 8.36
C GLU A 34 4.08 0.86 9.36
N PRO A 35 2.89 0.48 9.84
CA PRO A 35 2.84 -0.47 10.97
C PRO A 35 3.50 -1.83 10.73
N LEU A 36 3.37 -2.46 9.55
CA LEU A 36 4.06 -3.75 9.39
C LEU A 36 5.57 -3.58 9.42
N THR A 37 6.07 -2.53 8.76
CA THR A 37 7.50 -2.26 8.76
C THR A 37 8.00 -1.88 10.14
N ALA A 38 7.24 -1.05 10.87
CA ALA A 38 7.63 -0.65 12.21
C ALA A 38 7.48 -1.79 13.20
N GLY A 39 6.65 -2.77 12.89
CA GLY A 39 6.38 -3.89 13.77
C GLY A 39 7.24 -5.12 13.52
N THR A 40 8.23 -5.03 12.64
CA THR A 40 9.17 -6.10 12.36
C THR A 40 10.58 -5.53 12.45
N HIS A 41 11.57 -6.41 12.37
CA HIS A 41 12.95 -6.01 12.62
C HIS A 41 13.86 -6.59 11.55
N PRO A 42 14.95 -5.89 11.20
CA PRO A 42 15.37 -4.55 11.66
C PRO A 42 14.42 -3.47 11.15
N PRO A 43 14.61 -2.21 11.56
CA PRO A 43 13.67 -1.16 11.10
C PRO A 43 13.67 -0.96 9.59
N GLU A 44 14.78 -1.16 8.93
CA GLU A 44 14.87 -0.83 7.50
C GLU A 44 14.34 -1.98 6.65
N PRO A 45 13.58 -1.69 5.59
CA PRO A 45 13.07 -2.77 4.74
C PRO A 45 14.18 -3.49 3.98
N GLU A 46 13.93 -4.78 3.71
CA GLU A 46 14.88 -5.58 2.96
C GLU A 46 14.82 -5.23 1.47
N ALA A 47 15.86 -5.63 0.75
CA ALA A 47 15.94 -5.28 -0.68
C ALA A 47 14.71 -5.76 -1.44
N ALA A 48 14.25 -6.99 -1.14
CA ALA A 48 13.12 -7.54 -1.89
C ALA A 48 11.85 -6.74 -1.64
N ASP A 49 11.69 -6.23 -0.43
CA ASP A 49 10.56 -5.36 -0.08
C ASP A 49 10.57 -4.10 -0.95
N LYS A 50 11.68 -3.37 -0.92
CA LYS A 50 11.82 -2.18 -1.75
C LYS A 50 11.65 -2.50 -3.22
N GLU A 51 12.25 -3.60 -3.67
CA GLU A 51 12.17 -3.97 -5.08
C GLU A 51 10.73 -4.24 -5.50
N PHE A 52 9.94 -4.87 -4.64
CA PHE A 52 8.56 -5.14 -5.00
C PHE A 52 7.78 -3.84 -5.19
N LEU A 53 7.94 -2.89 -4.27
CA LEU A 53 7.26 -1.61 -4.45
C LEU A 53 7.64 -0.99 -5.78
N LEU A 54 8.94 -0.98 -6.10
CA LEU A 54 9.39 -0.35 -7.33
C LEU A 54 8.97 -1.13 -8.56
N SER A 55 8.67 -2.43 -8.41
CA SER A 55 8.21 -3.22 -9.55
C SER A 55 6.85 -2.74 -10.07
N ASN A 56 6.16 -1.86 -9.34
CA ASN A 56 4.90 -1.32 -9.80
C ASN A 56 5.06 -0.08 -10.65
N VAL A 57 6.23 0.54 -10.66
CA VAL A 57 6.43 1.76 -11.43
C VAL A 57 6.14 1.57 -12.92
N PRO A 58 6.53 0.45 -13.55
CA PRO A 58 6.26 0.34 -15.01
C PRO A 58 4.78 0.33 -15.37
N PHE A 59 3.90 0.06 -14.42
CA PHE A 59 2.47 0.05 -14.70
C PHE A 59 1.89 1.44 -14.86
N GLY A 60 2.64 2.49 -14.54
CA GLY A 60 2.07 3.83 -14.62
C GLY A 60 1.05 4.10 -13.55
N THR A 61 1.11 3.35 -12.45
CA THR A 61 0.11 3.42 -11.39
C THR A 61 0.72 3.93 -10.10
N CYS A 62 1.88 4.57 -10.17
CA CYS A 62 2.57 5.10 -9.02
C CYS A 62 2.67 6.61 -9.19
N PHE A 63 2.31 7.36 -8.16
CA PHE A 63 2.23 8.82 -8.25
C PHE A 63 2.90 9.48 -7.06
N VAL A 64 3.43 10.68 -7.28
CA VAL A 64 4.03 11.48 -6.22
C VAL A 64 3.46 12.89 -6.24
N ALA A 65 3.43 13.50 -5.06
CA ALA A 65 3.18 14.94 -4.93
C ALA A 65 4.51 15.64 -4.76
N LEU A 66 4.73 16.68 -5.57
CA LEU A 66 5.98 17.43 -5.65
C LEU A 66 5.78 18.84 -5.14
N HIS A 67 6.77 19.33 -4.40
CA HIS A 67 6.82 20.71 -3.93
C HIS A 67 8.27 21.15 -4.06
N GLU A 68 8.54 22.09 -4.98
CA GLU A 68 9.91 22.55 -5.26
C GLU A 68 10.82 21.41 -5.68
N GLY A 69 10.29 20.48 -6.48
CA GLY A 69 11.05 19.34 -6.92
C GLY A 69 11.20 18.23 -5.90
N ARG A 70 10.73 18.41 -4.68
CA ARG A 70 10.88 17.44 -3.61
C ARG A 70 9.59 16.63 -3.47
N ILE A 71 9.72 15.32 -3.36
CA ILE A 71 8.55 14.47 -3.14
C ILE A 71 8.10 14.64 -1.69
N VAL A 72 6.81 14.98 -1.52
CA VAL A 72 6.23 15.13 -0.19
C VAL A 72 5.14 14.11 0.08
N ALA A 73 4.76 13.32 -0.90
CA ALA A 73 3.78 12.26 -0.71
C ALA A 73 3.90 11.30 -1.88
N ALA A 74 3.49 10.04 -1.66
CA ALA A 74 3.61 9.06 -2.72
C ALA A 74 2.57 7.96 -2.53
N VAL A 75 2.15 7.38 -3.65
CA VAL A 75 1.29 6.20 -3.64
C VAL A 75 1.83 5.20 -4.66
N VAL A 76 1.85 3.94 -4.27
CA VAL A 76 2.32 2.85 -5.13
C VAL A 76 1.16 1.89 -5.28
N ALA A 77 0.77 1.60 -6.53
CA ALA A 77 -0.36 0.71 -6.78
C ALA A 77 0.00 -0.20 -7.94
N GLY A 78 -0.66 -1.36 -7.99
CA GLY A 78 -0.48 -2.25 -9.11
C GLY A 78 -1.63 -3.23 -9.27
N PRO A 79 -1.68 -3.91 -10.41
CA PRO A 79 -2.81 -4.79 -10.71
C PRO A 79 -2.72 -6.14 -10.00
N LYS A 80 -3.88 -6.74 -9.80
CA LYS A 80 -3.94 -8.13 -9.37
C LYS A 80 -5.17 -8.79 -9.96
N ASP A 81 -5.12 -10.12 -10.07
CA ASP A 81 -6.24 -10.89 -10.58
C ASP A 81 -6.59 -12.01 -9.62
N SER A 82 -7.44 -12.95 -10.06
CA SER A 82 -7.90 -14.00 -9.17
C SER A 82 -6.82 -15.00 -8.78
N HIS A 83 -5.66 -14.95 -9.42
CA HIS A 83 -4.53 -15.78 -9.05
C HIS A 83 -3.69 -15.17 -7.93
N GLU A 84 -3.95 -13.93 -7.54
CA GLU A 84 -3.11 -13.28 -6.54
C GLU A 84 -3.06 -14.02 -5.20
N PRO A 85 -4.12 -14.66 -4.70
CA PRO A 85 -3.95 -15.41 -3.45
C PRO A 85 -2.88 -16.50 -3.55
N GLU A 86 -2.87 -17.24 -4.65
CA GLU A 86 -1.86 -18.27 -4.84
C GLU A 86 -0.47 -17.67 -5.04
N HIS A 87 -0.39 -16.61 -5.84
CA HIS A 87 0.87 -15.94 -6.07
C HIS A 87 1.48 -15.41 -4.78
N MET A 88 0.68 -14.71 -3.98
CA MET A 88 1.24 -14.15 -2.74
C MET A 88 1.63 -15.24 -1.76
N ALA A 89 0.90 -16.36 -1.75
CA ALA A 89 1.28 -17.45 -0.85
C ALA A 89 2.64 -17.99 -1.24
N GLU A 90 2.88 -18.16 -2.54
CA GLU A 90 4.18 -18.63 -3.01
C GLU A 90 5.29 -17.62 -2.73
N GLU A 91 4.99 -16.32 -2.85
CA GLU A 91 6.00 -15.30 -2.56
C GLU A 91 6.33 -15.25 -1.08
N ALA A 92 5.31 -15.41 -0.22
CA ALA A 92 5.56 -15.48 1.22
C ALA A 92 6.48 -16.64 1.58
N ARG A 93 6.28 -17.79 0.93
CA ARG A 93 7.18 -18.93 1.14
C ARG A 93 8.59 -18.62 0.66
N LYS A 94 8.71 -18.01 -0.52
CA LYS A 94 10.03 -17.74 -1.08
C LYS A 94 10.89 -16.93 -0.12
N TYR A 95 10.29 -15.99 0.60
CA TYR A 95 11.04 -15.07 1.43
C TYR A 95 10.91 -15.35 2.91
N ALA A 96 10.26 -16.45 3.28
CA ALA A 96 10.08 -16.79 4.69
C ALA A 96 11.41 -16.83 5.41
N GLY A 97 11.45 -16.25 6.60
CA GLY A 97 12.64 -16.21 7.42
C GLY A 97 13.23 -14.84 7.62
N GLY A 98 12.81 -13.84 6.85
CA GLY A 98 13.31 -12.49 6.97
C GLY A 98 12.17 -11.51 7.25
N LYS A 99 12.57 -10.24 7.34
CA LYS A 99 11.60 -9.16 7.57
C LYS A 99 10.53 -9.15 6.47
N TRP A 100 10.96 -9.23 5.21
CA TRP A 100 10.00 -9.25 4.11
C TRP A 100 9.13 -10.49 4.17
N GLY A 101 9.70 -11.64 4.55
CA GLY A 101 8.91 -12.85 4.69
C GLY A 101 7.81 -12.74 5.73
N SER A 102 8.10 -12.09 6.86
CA SER A 102 7.08 -11.87 7.89
C SER A 102 5.99 -10.92 7.38
N ILE A 103 6.39 -9.85 6.70
CA ILE A 103 5.42 -8.91 6.16
C ILE A 103 4.58 -9.60 5.09
N LEU A 104 5.22 -10.35 4.19
CA LEU A 104 4.47 -11.05 3.15
C LEU A 104 3.54 -12.11 3.72
N HIS A 105 3.92 -12.76 4.82
CA HIS A 105 3.01 -13.77 5.36
C HIS A 105 1.73 -13.14 5.89
N LEU A 106 1.83 -11.94 6.49
CA LEU A 106 0.60 -11.24 6.88
C LEU A 106 -0.18 -10.79 5.65
N LEU A 107 0.49 -10.15 4.70
CA LEU A 107 -0.21 -9.66 3.51
C LEU A 107 -0.86 -10.79 2.73
N SER A 108 -0.21 -11.95 2.70
CA SER A 108 -0.77 -13.09 1.97
C SER A 108 -1.99 -13.65 2.70
N ALA A 109 -1.94 -13.72 4.04
CA ALA A 109 -3.12 -14.12 4.77
C ALA A 109 -4.30 -13.22 4.46
N VAL A 110 -4.06 -11.91 4.35
CA VAL A 110 -5.13 -10.95 4.04
C VAL A 110 -5.63 -11.14 2.61
N GLU A 111 -4.72 -11.36 1.66
CA GLU A 111 -5.15 -11.56 0.27
C GLU A 111 -6.00 -12.80 0.13
N THR A 112 -5.64 -13.87 0.83
CA THR A 112 -6.44 -15.10 0.79
C THR A 112 -7.82 -14.85 1.39
N ALA A 113 -7.89 -14.07 2.48
CA ALA A 113 -9.17 -13.82 3.13
C ALA A 113 -10.05 -12.88 2.31
N THR A 114 -9.45 -11.92 1.60
CA THR A 114 -10.28 -10.96 0.88
C THR A 114 -10.68 -11.47 -0.51
N ASP A 115 -9.71 -11.99 -1.26
CA ASP A 115 -9.97 -12.69 -2.53
C ASP A 115 -10.96 -11.91 -3.39
N VAL A 116 -10.63 -10.65 -3.66
CA VAL A 116 -11.67 -9.71 -4.06
C VAL A 116 -12.20 -9.99 -5.46
N CYS A 117 -11.40 -10.61 -6.32
CA CYS A 117 -11.88 -10.91 -7.67
C CYS A 117 -13.00 -11.92 -7.64
N ARG A 118 -12.87 -12.93 -6.79
CA ARG A 118 -13.95 -13.89 -6.60
C ARG A 118 -15.08 -13.31 -5.79
N ARG A 119 -14.75 -12.52 -4.76
CA ARG A 119 -15.77 -11.98 -3.87
C ARG A 119 -16.76 -11.12 -4.62
N PHE A 120 -16.29 -10.27 -5.54
CA PHE A 120 -17.14 -9.33 -6.26
C PHE A 120 -17.33 -9.68 -7.73
N SER A 121 -16.86 -10.85 -8.16
CA SER A 121 -16.94 -11.28 -9.56
C SER A 121 -16.43 -10.20 -10.51
N VAL A 122 -15.23 -9.71 -10.25
CA VAL A 122 -14.58 -8.76 -11.17
C VAL A 122 -13.32 -9.42 -11.70
N PRO A 123 -12.87 -9.08 -12.91
CA PRO A 123 -11.71 -9.77 -13.49
C PRO A 123 -10.39 -9.36 -12.90
N SER A 124 -10.32 -8.20 -12.24
CA SER A 124 -9.06 -7.64 -11.81
C SER A 124 -9.35 -6.56 -10.78
N CYS A 125 -8.29 -6.13 -10.10
CA CYS A 125 -8.42 -5.06 -9.12
C CYS A 125 -7.12 -4.26 -9.16
N LEU A 126 -7.22 -2.95 -8.94
CA LEU A 126 -6.05 -2.13 -8.74
C LEU A 126 -5.78 -2.02 -7.24
N HIS A 127 -4.67 -2.58 -6.79
CA HIS A 127 -4.36 -2.64 -5.37
C HIS A 127 -3.34 -1.58 -4.99
N VAL A 128 -3.63 -0.83 -3.92
CA VAL A 128 -2.71 0.19 -3.42
C VAL A 128 -1.75 -0.46 -2.44
N HIS A 129 -0.47 -0.57 -2.82
CA HIS A 129 0.56 -1.22 -2.03
C HIS A 129 1.23 -0.30 -1.02
N ALA A 130 1.23 1.01 -1.24
CA ALA A 130 1.89 1.90 -0.29
C ALA A 130 1.33 3.31 -0.45
N LEU A 131 1.15 3.99 0.68
CA LEU A 131 0.69 5.38 0.72
C LEU A 131 1.41 6.07 1.86
N GLY A 132 2.11 7.17 1.57
CA GLY A 132 2.80 7.92 2.62
C GLY A 132 2.82 9.39 2.32
N VAL A 133 2.78 10.20 3.38
CA VAL A 133 2.81 11.66 3.31
C VAL A 133 3.87 12.16 4.27
N ASP A 134 4.71 13.10 3.84
CA ASP A 134 5.66 13.79 4.70
C ASP A 134 4.94 14.32 5.93
N PRO A 135 5.45 14.07 7.13
CA PRO A 135 4.78 14.55 8.35
C PRO A 135 4.48 16.04 8.32
N GLN A 136 5.32 16.84 7.68
CA GLN A 136 5.08 18.27 7.60
C GLN A 136 3.90 18.63 6.72
N LEU A 137 3.42 17.72 5.89
CA LEU A 137 2.29 17.98 5.00
C LEU A 137 1.07 17.14 5.39
N ARG A 138 1.08 16.47 6.52
CA ARG A 138 -0.05 15.63 6.90
C ARG A 138 -1.22 16.49 7.37
N GLY A 139 -2.42 15.98 7.15
CA GLY A 139 -3.62 16.73 7.49
C GLY A 139 -4.08 17.71 6.43
N ARG A 140 -3.52 17.61 5.22
CA ARG A 140 -3.89 18.47 4.10
C ARG A 140 -4.50 17.67 2.96
N ASN A 141 -4.99 16.46 3.27
CA ASN A 141 -5.64 15.57 2.29
C ASN A 141 -4.75 15.25 1.10
N LEU A 142 -3.43 15.24 1.27
CA LEU A 142 -2.58 14.75 0.20
C LEU A 142 -2.77 13.25 -0.01
N GLY A 143 -2.97 12.51 1.07
CA GLY A 143 -3.25 11.08 0.91
C GLY A 143 -4.51 10.86 0.09
N GLY A 144 -5.57 11.58 0.41
CA GLY A 144 -6.81 11.43 -0.35
C GLY A 144 -6.65 11.83 -1.80
N ARG A 145 -5.91 12.90 -2.06
CA ARG A 145 -5.69 13.32 -3.44
C ARG A 145 -4.97 12.24 -4.24
N LEU A 146 -3.94 11.62 -3.65
CA LEU A 146 -3.23 10.55 -4.35
C LEU A 146 -4.13 9.33 -4.54
N MET A 147 -4.93 8.95 -3.54
CA MET A 147 -5.88 7.85 -3.73
C MET A 147 -6.88 8.14 -4.83
N GLU A 148 -7.36 9.39 -4.92
CA GLU A 148 -8.26 9.73 -6.02
C GLU A 148 -7.56 9.62 -7.36
N THR A 149 -6.28 10.00 -7.41
CA THR A 149 -5.52 9.87 -8.65
C THR A 149 -5.41 8.41 -9.07
N VAL A 150 -5.19 7.53 -8.09
CA VAL A 150 -5.14 6.10 -8.39
C VAL A 150 -6.48 5.60 -8.90
N ALA A 151 -7.58 6.03 -8.25
CA ALA A 151 -8.89 5.59 -8.71
C ALA A 151 -9.14 5.98 -10.16
N GLN A 152 -8.75 7.19 -10.55
CA GLN A 152 -8.97 7.61 -11.94
C GLN A 152 -8.09 6.80 -12.89
N ARG A 153 -6.86 6.52 -12.49
CA ARG A 153 -6.01 5.67 -13.30
C ARG A 153 -6.61 4.27 -13.44
N GLY A 154 -7.20 3.77 -12.37
CA GLY A 154 -7.89 2.50 -12.45
C GLY A 154 -9.06 2.52 -13.41
N ARG A 155 -9.86 3.58 -13.35
CA ARG A 155 -10.96 3.75 -14.30
C ARG A 155 -10.46 3.71 -15.74
N ASP A 156 -9.39 4.47 -16.02
CA ASP A 156 -8.83 4.50 -17.36
C ASP A 156 -8.38 3.11 -17.81
N LEU A 157 -7.80 2.34 -16.87
CA LEU A 157 -7.30 1.00 -17.18
C LEU A 157 -8.39 -0.06 -17.23
N GLY A 158 -9.64 0.30 -16.98
CA GLY A 158 -10.73 -0.66 -17.03
C GLY A 158 -10.99 -1.44 -15.76
N HIS A 159 -10.23 -1.20 -14.70
CA HIS A 159 -10.49 -1.88 -13.43
C HIS A 159 -11.85 -1.46 -12.89
N GLN A 160 -12.54 -2.40 -12.26
CA GLN A 160 -13.83 -2.14 -11.65
C GLN A 160 -13.74 -2.00 -10.14
N LEU A 161 -12.55 -2.10 -9.58
CA LEU A 161 -12.39 -2.15 -8.14
C LEU A 161 -11.00 -1.64 -7.79
N VAL A 162 -10.91 -0.91 -6.67
CA VAL A 162 -9.65 -0.56 -6.03
C VAL A 162 -9.68 -1.21 -4.65
N SER A 163 -8.54 -1.77 -4.22
CA SER A 163 -8.43 -2.33 -2.88
C SER A 163 -7.20 -1.79 -2.19
N VAL A 164 -7.22 -1.81 -0.85
CA VAL A 164 -6.09 -1.30 -0.07
C VAL A 164 -6.11 -1.92 1.32
N ASP A 165 -4.94 -2.40 1.79
CA ASP A 165 -4.81 -2.95 3.15
C ASP A 165 -4.37 -1.83 4.08
N CYS A 166 -5.32 -1.27 4.83
CA CYS A 166 -4.98 -0.20 5.77
C CYS A 166 -4.42 -0.82 7.04
N THR A 167 -3.11 -0.99 7.05
CA THR A 167 -2.41 -1.42 8.24
C THR A 167 -2.40 -0.33 9.31
N SER A 168 -2.64 0.91 8.92
CA SER A 168 -2.65 2.07 9.79
C SER A 168 -4.08 2.61 9.93
N VAL A 169 -4.48 2.94 11.16
CA VAL A 169 -5.84 3.47 11.35
C VAL A 169 -6.01 4.83 10.70
N TYR A 170 -4.93 5.59 10.51
CA TYR A 170 -5.07 6.86 9.80
C TYR A 170 -5.43 6.65 8.34
N ALA A 171 -4.88 5.59 7.73
CA ALA A 171 -5.26 5.29 6.36
C ALA A 171 -6.69 4.76 6.30
N ALA A 172 -7.07 3.93 7.28
CA ALA A 172 -8.46 3.48 7.33
C ALA A 172 -9.42 4.67 7.41
N ARG A 173 -9.13 5.64 8.28
CA ARG A 173 -10.00 6.81 8.40
C ARG A 173 -10.03 7.62 7.11
N LEU A 174 -8.88 7.72 6.43
CA LEU A 174 -8.84 8.44 5.16
C LEU A 174 -9.76 7.80 4.12
N VAL A 175 -9.68 6.47 3.96
CA VAL A 175 -10.44 5.87 2.88
C VAL A 175 -11.90 5.78 3.24
N GLN A 176 -12.23 5.73 4.54
CA GLN A 176 -13.62 5.90 4.95
C GLN A 176 -14.18 7.22 4.45
N ARG A 177 -13.41 8.30 4.64
CA ARG A 177 -13.83 9.61 4.16
C ARG A 177 -14.01 9.62 2.64
N LEU A 178 -13.22 8.82 1.93
CA LEU A 178 -13.35 8.70 0.49
C LEU A 178 -14.52 7.81 0.07
N GLY A 179 -15.20 7.15 1.00
CA GLY A 179 -16.31 6.29 0.65
C GLY A 179 -15.96 4.86 0.35
N TYR A 180 -14.78 4.40 0.73
CA TYR A 180 -14.47 2.98 0.59
C TYR A 180 -15.26 2.18 1.62
N GLN A 181 -15.41 0.89 1.36
CA GLN A 181 -16.11 0.00 2.28
C GLN A 181 -15.16 -1.04 2.86
N LEU A 182 -15.31 -1.27 4.16
CA LEU A 182 -14.50 -2.28 4.85
C LEU A 182 -14.93 -3.68 4.47
N ILE A 183 -13.96 -4.57 4.18
CA ILE A 183 -14.32 -5.94 3.82
C ILE A 183 -13.61 -6.99 4.67
N ASN A 184 -12.62 -6.59 5.46
CA ASN A 184 -11.87 -7.58 6.26
C ASN A 184 -11.07 -6.89 7.35
N THR A 185 -11.01 -7.54 8.51
CA THR A 185 -10.21 -7.08 9.64
C THR A 185 -9.41 -8.26 10.18
N LEU A 186 -8.11 -8.07 10.31
CA LEU A 186 -7.24 -9.07 10.94
C LEU A 186 -6.45 -8.37 12.03
N ARG A 187 -6.68 -8.77 13.29
CA ARG A 187 -5.96 -8.18 14.40
C ARG A 187 -4.54 -8.74 14.48
N TYR A 188 -3.59 -7.85 14.77
CA TYR A 188 -2.19 -8.27 14.75
C TYR A 188 -1.91 -9.30 15.83
N VAL A 189 -2.56 -9.21 16.98
CA VAL A 189 -2.32 -10.19 18.04
C VAL A 189 -2.79 -11.59 17.64
N ASP A 190 -3.69 -11.69 16.67
CA ASP A 190 -4.24 -12.96 16.23
C ASP A 190 -3.39 -13.65 15.16
N HIS A 191 -2.35 -12.99 14.65
CA HIS A 191 -1.59 -13.54 13.53
C HIS A 191 -0.23 -14.03 14.01
N LEU A 192 -0.04 -15.35 14.03
CA LEU A 192 1.19 -15.97 14.49
C LEU A 192 1.95 -16.59 13.34
N ASP A 193 3.24 -16.87 13.56
CA ASP A 193 3.97 -17.70 12.63
C ASP A 193 3.88 -19.16 13.08
N ALA A 194 4.52 -20.06 12.34
CA ALA A 194 4.36 -21.49 12.59
C ALA A 194 4.89 -21.90 13.96
N SER A 195 5.79 -21.13 14.54
CA SER A 195 6.35 -21.45 15.84
C SER A 195 5.54 -20.85 16.97
N GLY A 196 4.46 -20.15 16.66
CA GLY A 196 3.59 -19.61 17.68
C GLY A 196 3.93 -18.21 18.15
N GLN A 197 4.78 -17.48 17.44
CA GLN A 197 5.17 -16.13 17.81
C GLN A 197 4.36 -15.13 17.01
N GLN A 198 3.94 -14.05 17.66
CA GLN A 198 3.20 -13.00 16.95
C GLN A 198 4.09 -12.37 15.89
N VAL A 199 3.59 -12.31 14.65
CA VAL A 199 4.45 -11.89 13.54
C VAL A 199 4.72 -10.40 13.59
N ILE A 200 3.67 -9.59 13.63
CA ILE A 200 3.76 -8.15 13.57
C ILE A 200 3.40 -7.58 14.93
N ARG A 201 4.25 -6.71 15.48
CA ARG A 201 3.96 -5.99 16.71
C ARG A 201 4.08 -4.49 16.47
N PRO A 202 3.05 -3.86 15.92
CA PRO A 202 3.15 -2.44 15.56
C PRO A 202 2.76 -1.55 16.71
N PRO A 203 3.17 -0.28 16.67
CA PRO A 203 2.77 0.68 17.71
C PRO A 203 1.27 0.89 17.72
N PRO A 204 0.63 0.92 18.89
CA PRO A 204 -0.72 1.46 18.95
C PRO A 204 -0.74 2.87 18.38
N PRO A 205 -1.88 3.33 17.85
CA PRO A 205 -3.22 2.73 17.90
C PRO A 205 -3.52 1.68 16.84
N HIS A 206 -2.50 1.21 16.11
CA HIS A 206 -2.70 0.31 14.98
C HIS A 206 -2.84 -1.11 15.51
N GLU A 207 -4.09 -1.54 15.70
CA GLU A 207 -4.37 -2.84 16.26
C GLU A 207 -4.71 -3.90 15.22
N SER A 208 -4.98 -3.51 13.97
CA SER A 208 -5.45 -4.47 12.98
C SER A 208 -5.10 -3.96 11.59
N VAL A 209 -5.10 -4.87 10.62
CA VAL A 209 -5.08 -4.49 9.21
C VAL A 209 -6.51 -4.57 8.71
N GLN A 210 -7.01 -3.45 8.18
CA GLN A 210 -8.38 -3.33 7.71
C GLN A 210 -8.35 -3.13 6.20
N THR A 211 -8.92 -4.08 5.47
CA THR A 211 -8.92 -4.01 4.01
C THR A 211 -10.19 -3.33 3.52
N PHE A 212 -10.02 -2.32 2.67
CA PHE A 212 -11.13 -1.56 2.10
C PHE A 212 -11.10 -1.67 0.59
N VAL A 213 -12.29 -1.56 -0.03
CA VAL A 213 -12.41 -1.51 -1.48
C VAL A 213 -13.27 -0.32 -1.89
N LEU A 214 -13.05 0.11 -3.13
CA LEU A 214 -13.87 1.13 -3.76
C LEU A 214 -14.33 0.59 -5.11
N HIS A 215 -15.63 0.63 -5.36
CA HIS A 215 -16.15 0.16 -6.64
C HIS A 215 -16.08 1.29 -7.66
N LEU A 216 -15.46 1.00 -8.80
CA LEU A 216 -15.28 1.98 -9.88
C LEU A 216 -16.37 1.86 -10.93
N1A COA B . -0.05 10.33 12.94
C2A COA B . -0.83 11.17 13.68
N3A COA B . -1.88 11.84 13.09
C4A COA B . -2.13 11.69 11.78
C5A COA B . -1.35 10.87 11.06
C6A COA B . -0.31 10.19 11.66
N6A COA B . 0.79 9.21 11.29
N7A COA B . -1.78 10.87 9.77
C8A COA B . -2.84 11.69 9.68
N9A COA B . -3.05 12.19 10.91
C1B COA B . -3.92 13.07 11.42
C2B COA B . -3.68 14.40 10.66
O2B COA B . -2.57 15.18 11.24
C3B COA B . -4.88 15.04 10.68
O3B COA B . -5.24 15.61 11.97
P3B COA B . -4.93 17.18 12.40
O7A COA B . -4.94 18.08 11.17
O8A COA B . -5.93 17.63 13.47
O9A COA B . -3.52 17.16 13.00
C4B COA B . -5.96 13.83 10.51
O4B COA B . -5.39 12.73 11.00
C5B COA B . -6.40 13.67 9.09
O5B COA B . -5.26 13.76 8.25
P1A COA B . -5.26 13.15 6.70
O1A COA B . -6.42 12.18 6.43
O2A COA B . -5.20 14.29 5.71
O3A COA B . -3.89 12.25 6.64
P2A COA B . -2.73 12.30 5.47
O4A COA B . -2.00 13.60 5.53
O5A COA B . -3.35 12.00 4.13
O6A COA B . -1.75 11.08 6.00
CBP COA B . -1.12 8.85 5.93
CCP COA B . -2.28 9.80 6.10
CDP COA B . -0.67 8.94 4.43
CEP COA B . -1.56 7.42 6.27
CAP COA B . -0.02 9.27 6.90
OAP COA B . -0.46 9.04 8.21
C9P COA B . 1.31 8.52 6.70
O9P COA B . 2.07 8.76 5.82
N8P COA B . 1.65 7.48 7.68
C7P COA B . 2.92 6.75 7.61
C6P COA B . 2.97 5.60 6.52
C5P COA B . 1.71 4.77 6.70
O5P COA B . 1.41 4.29 7.76
N4P COA B . 0.87 4.62 5.48
C3P COA B . -0.40 3.92 5.45
C2P COA B . -0.26 2.41 5.68
S1P COA B . -1.96 1.85 5.34
C10 G0R C . 5.68 -3.19 2.69
N12 G0R C . 6.50 -3.10 3.90
C1 G0R C . -1.36 1.41 1.54
C2 G0R C . -0.28 0.81 2.45
C5 G0R C . 0.53 -1.15 3.82
C6 G0R C . 1.38 -2.18 3.04
C7 G0R C . 2.29 -3.00 3.95
C8 G0R C . 3.78 -2.60 3.93
N4 G0R C . -0.47 -0.54 2.96
N9 G0R C . 4.45 -2.98 2.71
N11 G0R C . 6.30 -3.55 1.44
O3 G0R C . 0.68 1.43 2.72
#